data_3BHI
#
_entry.id   3BHI
#
_cell.length_a   55.662
_cell.length_b   55.662
_cell.length_c   169.880
_cell.angle_alpha   90.000
_cell.angle_beta   90.000
_cell.angle_gamma   90.000
#
_symmetry.space_group_name_H-M   'P 43 21 2'
#
loop_
_entity.id
_entity.type
_entity.pdbx_description
1 polymer 'Carbonyl reductase [NADPH] 1'
2 non-polymer 'CHLORIDE ION'
3 non-polymer 'NADP NICOTINAMIDE-ADENINE-DINUCLEOTIDE PHOSPHATE'
4 water water
#
_entity_poly.entity_id   1
_entity_poly.type   'polypeptide(L)'
_entity_poly.pdbx_seq_one_letter_code
;SSGIHVALVTGGNKGIGLAIVRDLCRLFSGDVVLTARDVTRGQAAVQQLQAEGLSPRFHQLDIDDLQSIRALRDFLRKEY
GGLDVLVNNAGIAFKVADPTPFHIQAEVTMKTNFFGTRDVCTELLPLIKPQGRVVNVSSIMSVRALKSCSPELQQKFRSE
TITEEELVGLMNKFVEDTKKGVHQKEGWPSSAYGVTKIGVTVLSRIHARKLSEQRKGDKILLNACCPGWVRTDMAGPKAT
KSPEEGAETPVYLALLPPDAEGPHGQFVSEKRVEQW
;
_entity_poly.pdbx_strand_id   A
#
# COMPACT_ATOMS: atom_id res chain seq x y z
N SER A 2 27.91 -1.56 -4.22
CA SER A 2 26.97 -2.07 -3.15
C SER A 2 27.02 -1.03 -2.05
N GLY A 3 26.17 -1.17 -1.03
CA GLY A 3 25.96 -0.09 -0.06
C GLY A 3 25.06 1.01 -0.63
N ILE A 4 24.56 0.80 -1.82
CA ILE A 4 23.73 1.78 -2.46
C ILE A 4 22.27 1.43 -2.12
N HIS A 5 21.54 2.49 -1.78
CA HIS A 5 20.23 2.45 -1.17
C HIS A 5 19.17 2.26 -2.22
N VAL A 6 18.10 1.57 -1.85
CA VAL A 6 17.05 1.27 -2.82
C VAL A 6 15.63 1.62 -2.28
N ALA A 7 14.83 2.27 -3.12
CA ALA A 7 13.42 2.49 -2.84
C ALA A 7 12.63 1.73 -3.98
N LEU A 8 11.39 1.33 -3.68
CA LEU A 8 10.60 0.50 -4.62
C LEU A 8 9.16 0.84 -4.46
N VAL A 9 8.43 0.95 -5.58
CA VAL A 9 6.97 1.31 -5.63
C VAL A 9 6.20 0.19 -6.33
N THR A 10 5.11 -0.31 -5.72
CA THR A 10 4.31 -1.29 -6.46
C THR A 10 3.27 -0.49 -7.22
N GLY A 11 2.71 -1.01 -8.30
CA GLY A 11 1.82 -0.26 -9.12
C GLY A 11 2.46 0.99 -9.70
N GLY A 12 3.64 0.88 -10.30
CA GLY A 12 4.37 2.07 -10.68
C GLY A 12 4.20 2.64 -12.11
N ASN A 13 3.54 1.93 -12.98
CA ASN A 13 3.46 2.31 -14.40
C ASN A 13 2.49 3.46 -14.71
N LYS A 14 1.57 3.76 -13.80
CA LYS A 14 0.62 4.82 -13.97
C LYS A 14 0.11 5.32 -12.62
N GLY A 15 -0.70 6.38 -12.71
CA GLY A 15 -1.49 6.90 -11.64
C GLY A 15 -0.56 7.51 -10.60
N ILE A 16 -0.98 7.38 -9.34
CA ILE A 16 -0.23 7.91 -8.22
C ILE A 16 1.11 7.21 -8.09
N GLY A 17 1.20 5.96 -8.55
CA GLY A 17 2.42 5.16 -8.35
C GLY A 17 3.55 5.68 -9.20
N LEU A 18 3.19 6.14 -10.38
CA LEU A 18 4.14 6.65 -11.34
C LEU A 18 4.70 7.93 -10.74
N ALA A 19 3.83 8.69 -10.09
CA ALA A 19 4.18 10.02 -9.63
C ALA A 19 5.10 9.89 -8.48
N ILE A 20 4.87 8.86 -7.62
CA ILE A 20 5.72 8.51 -6.47
C ILE A 20 7.11 8.10 -6.92
N VAL A 21 7.21 7.25 -7.94
CA VAL A 21 8.49 6.87 -8.65
C VAL A 21 9.22 8.09 -9.13
N ARG A 22 8.49 9.00 -9.76
CA ARG A 22 9.10 10.28 -10.21
C ARG A 22 9.75 11.11 -9.11
N ASP A 23 9.05 11.33 -8.00
CA ASP A 23 9.57 12.15 -6.95
C ASP A 23 10.60 11.43 -6.10
N LEU A 24 10.54 10.10 -6.08
CA LEU A 24 11.62 9.35 -5.42
C LEU A 24 12.93 9.41 -6.27
N CYS A 25 12.79 9.29 -7.57
CA CYS A 25 13.90 9.57 -8.50
C CYS A 25 14.61 10.90 -8.27
N ARG A 26 13.81 11.98 -8.08
CA ARG A 26 14.33 13.32 -7.65
C ARG A 26 14.97 13.36 -6.27
N LEU A 27 14.28 12.83 -5.26
CA LEU A 27 14.56 13.13 -3.87
C LEU A 27 15.33 12.09 -3.07
N PHE A 28 15.27 10.85 -3.53
CA PHE A 28 15.86 9.73 -2.82
C PHE A 28 17.32 9.56 -3.29
N SER A 29 18.24 9.50 -2.35
CA SER A 29 19.64 9.11 -2.68
C SER A 29 19.76 7.63 -2.82
N GLY A 30 20.05 7.22 -4.06
CA GLY A 30 20.25 5.83 -4.49
C GLY A 30 19.30 5.45 -5.60
N ASP A 31 19.04 4.14 -5.76
CA ASP A 31 18.26 3.58 -6.85
C ASP A 31 16.75 3.60 -6.59
N VAL A 32 15.94 3.85 -7.63
CA VAL A 32 14.52 3.79 -7.46
C VAL A 32 13.99 2.70 -8.38
N VAL A 33 13.32 1.71 -7.81
CA VAL A 33 12.79 0.61 -8.68
C VAL A 33 11.30 0.80 -8.95
N LEU A 34 10.99 1.10 -10.22
CA LEU A 34 9.61 1.08 -10.72
C LEU A 34 9.20 -0.40 -10.93
N THR A 35 8.08 -0.83 -10.33
CA THR A 35 7.59 -2.13 -10.62
C THR A 35 6.23 -1.99 -11.31
N ALA A 36 5.81 -3.03 -12.04
CA ALA A 36 4.59 -3.04 -12.85
C ALA A 36 4.29 -4.52 -13.05
N ARG A 37 3.02 -4.92 -12.97
CA ARG A 37 2.63 -6.31 -13.28
C ARG A 37 2.75 -6.62 -14.75
N ASP A 38 2.40 -5.63 -15.60
CA ASP A 38 2.71 -5.70 -17.04
C ASP A 38 4.09 -5.18 -17.31
N VAL A 39 4.96 -6.00 -17.88
CA VAL A 39 6.28 -5.51 -18.40
C VAL A 39 6.24 -4.31 -19.41
N THR A 40 5.45 -4.44 -20.44
CA THR A 40 5.42 -3.39 -21.45
C THR A 40 4.89 -2.01 -20.88
N ARG A 41 3.84 -2.05 -20.03
CA ARG A 41 3.43 -0.86 -19.27
C ARG A 41 4.53 -0.26 -18.40
N GLY A 42 5.35 -1.12 -17.79
CA GLY A 42 6.37 -0.71 -16.84
C GLY A 42 7.46 -0.01 -17.56
N GLN A 43 7.92 -0.64 -18.66
CA GLN A 43 9.00 -0.16 -19.52
C GLN A 43 8.61 1.15 -20.24
N ALA A 44 7.36 1.24 -20.69
CA ALA A 44 6.88 2.44 -21.33
C ALA A 44 7.03 3.63 -20.38
N ALA A 45 6.70 3.43 -19.11
CA ALA A 45 6.72 4.43 -18.04
C ALA A 45 8.12 4.75 -17.58
N VAL A 46 8.97 3.74 -17.52
CA VAL A 46 10.40 3.96 -17.40
C VAL A 46 10.94 4.87 -18.58
N GLN A 47 10.60 4.53 -19.82
CA GLN A 47 10.93 5.39 -20.94
C GLN A 47 10.35 6.83 -20.76
N GLN A 48 9.14 6.98 -20.22
CA GLN A 48 8.51 8.27 -19.88
C GLN A 48 9.43 9.08 -18.99
N LEU A 49 9.81 8.45 -17.87
CA LEU A 49 10.69 9.06 -16.89
C LEU A 49 12.09 9.33 -17.42
N GLN A 50 12.58 8.46 -18.31
CA GLN A 50 13.87 8.70 -18.98
C GLN A 50 13.89 9.92 -19.87
N ALA A 51 12.76 10.23 -20.48
CA ALA A 51 12.55 11.43 -21.29
C ALA A 51 12.43 12.71 -20.45
N GLU A 52 12.18 12.55 -19.16
CA GLU A 52 12.23 13.69 -18.22
C GLU A 52 13.59 13.79 -17.50
N GLY A 53 14.49 12.88 -17.80
CA GLY A 53 15.85 13.01 -17.33
C GLY A 53 16.15 12.20 -16.12
N LEU A 54 15.18 11.36 -15.72
CA LEU A 54 15.33 10.45 -14.57
C LEU A 54 15.66 9.02 -14.96
N SER A 55 16.17 8.28 -14.00
CA SER A 55 16.75 6.97 -14.26
C SER A 55 16.16 5.84 -13.34
N PRO A 56 14.84 5.53 -13.48
CA PRO A 56 14.42 4.46 -12.57
C PRO A 56 14.94 3.12 -13.09
N ARG A 57 15.00 2.15 -12.18
N ARG A 57 15.00 2.17 -12.16
CA ARG A 57 15.26 0.78 -12.59
CA ARG A 57 15.28 0.76 -12.44
C ARG A 57 13.89 0.15 -12.73
C ARG A 57 13.90 0.16 -12.72
N PHE A 58 13.83 -1.04 -13.31
CA PHE A 58 12.57 -1.70 -13.51
C PHE A 58 12.64 -3.13 -12.98
N HIS A 59 11.60 -3.58 -12.28
CA HIS A 59 11.38 -5.05 -12.12
C HIS A 59 9.91 -5.39 -12.32
N GLN A 60 9.58 -6.54 -12.92
CA GLN A 60 8.22 -7.04 -12.90
C GLN A 60 7.69 -7.28 -11.49
N LEU A 61 6.39 -7.09 -11.27
CA LEU A 61 5.70 -7.43 -10.04
C LEU A 61 4.17 -7.40 -10.14
N ASP A 62 3.57 -8.55 -9.91
CA ASP A 62 2.13 -8.73 -9.74
C ASP A 62 1.94 -9.24 -8.32
N ILE A 63 1.40 -8.36 -7.45
CA ILE A 63 1.21 -8.61 -5.98
C ILE A 63 0.21 -9.73 -5.69
N ASP A 64 -0.47 -10.11 -6.74
CA ASP A 64 -1.35 -11.20 -6.74
C ASP A 64 -0.67 -12.51 -7.03
N ASP A 65 0.64 -12.51 -7.26
CA ASP A 65 1.40 -13.70 -7.50
C ASP A 65 2.58 -13.78 -6.52
N LEU A 66 2.54 -14.80 -5.67
CA LEU A 66 3.55 -14.97 -4.63
C LEU A 66 4.91 -15.28 -5.18
N GLN A 67 4.93 -16.11 -6.23
CA GLN A 67 6.09 -16.38 -7.01
C GLN A 67 6.66 -15.07 -7.70
N SER A 68 5.82 -14.18 -8.25
CA SER A 68 6.29 -12.85 -8.72
C SER A 68 6.95 -12.13 -7.55
N ILE A 69 6.31 -12.13 -6.39
CA ILE A 69 6.76 -11.36 -5.18
C ILE A 69 8.08 -11.90 -4.64
N ARG A 70 8.16 -13.21 -4.63
CA ARG A 70 9.33 -13.93 -4.26
C ARG A 70 10.48 -13.85 -5.21
N ALA A 71 10.25 -13.86 -6.53
CA ALA A 71 11.25 -13.47 -7.52
C ALA A 71 11.77 -12.03 -7.26
N LEU A 72 10.87 -11.12 -6.87
CA LEU A 72 11.28 -9.73 -6.66
C LEU A 72 12.17 -9.66 -5.43
N ARG A 73 11.78 -10.44 -4.38
CA ARG A 73 12.53 -10.59 -3.12
C ARG A 73 13.99 -11.07 -3.35
N ASP A 74 14.16 -12.15 -4.14
CA ASP A 74 15.44 -12.72 -4.51
C ASP A 74 16.32 -11.71 -5.22
N PHE A 75 15.75 -11.02 -6.22
CA PHE A 75 16.46 -9.93 -6.92
C PHE A 75 17.00 -8.84 -5.98
N LEU A 76 16.18 -8.37 -5.04
CA LEU A 76 16.58 -7.31 -4.08
C LEU A 76 17.72 -7.76 -3.14
N ARG A 77 17.63 -8.97 -2.59
CA ARG A 77 18.74 -9.60 -1.83
C ARG A 77 20.06 -9.67 -2.63
N LYS A 78 19.94 -10.12 -3.89
CA LYS A 78 21.09 -10.30 -4.78
CA LYS A 78 21.01 -10.29 -4.87
C LYS A 78 21.68 -8.97 -5.20
N GLU A 79 20.84 -7.99 -5.53
CA GLU A 79 21.36 -6.71 -5.99
C GLU A 79 21.74 -5.81 -4.86
N TYR A 80 20.96 -5.79 -3.79
CA TYR A 80 21.20 -4.72 -2.78
C TYR A 80 21.45 -5.17 -1.38
N GLY A 81 21.19 -6.46 -1.08
CA GLY A 81 21.19 -6.96 0.31
C GLY A 81 19.92 -6.65 1.10
N GLY A 82 18.86 -6.35 0.37
CA GLY A 82 17.64 -5.94 0.99
C GLY A 82 17.05 -4.70 0.38
N LEU A 83 16.32 -3.96 1.22
CA LEU A 83 15.46 -2.88 0.75
C LEU A 83 15.44 -1.68 1.73
N ASP A 84 15.66 -0.49 1.23
CA ASP A 84 15.53 0.66 2.17
C ASP A 84 14.11 1.18 2.21
N VAL A 85 13.53 1.48 1.04
CA VAL A 85 12.13 1.98 0.95
C VAL A 85 11.11 1.14 0.12
N LEU A 86 10.02 0.77 0.74
CA LEU A 86 8.93 0.13 0.07
C LEU A 86 7.68 1.00 0.10
N VAL A 87 7.07 1.25 -1.06
CA VAL A 87 5.75 1.81 -1.11
C VAL A 87 4.78 0.79 -1.75
N ASN A 88 3.81 0.32 -0.94
CA ASN A 88 2.67 -0.48 -1.33
C ASN A 88 1.56 0.40 -1.88
N ASN A 89 1.67 0.72 -3.17
CA ASN A 89 0.79 1.62 -3.89
C ASN A 89 -0.34 0.86 -4.62
N ALA A 90 0.00 -0.30 -5.19
CA ALA A 90 -0.89 -1.10 -6.03
C ALA A 90 -2.26 -1.37 -5.41
N GLY A 91 -3.29 -1.19 -6.23
CA GLY A 91 -4.61 -1.52 -5.82
C GLY A 91 -5.59 -1.31 -6.92
N ILE A 92 -6.84 -1.73 -6.67
CA ILE A 92 -7.98 -1.76 -7.61
C ILE A 92 -9.25 -1.31 -6.89
N ALA A 93 -10.26 -0.90 -7.67
CA ALA A 93 -11.58 -0.58 -7.17
C ALA A 93 -12.51 -0.83 -8.34
N PHE A 94 -13.62 -1.51 -8.08
CA PHE A 94 -14.65 -1.60 -9.10
C PHE A 94 -15.38 -0.28 -8.96
N LYS A 95 -15.75 0.31 -10.10
CA LYS A 95 -16.72 1.42 -10.13
C LYS A 95 -18.13 0.85 -9.83
N VAL A 96 -18.98 1.71 -9.28
CA VAL A 96 -20.24 1.30 -8.61
C VAL A 96 -21.32 0.67 -9.55
N ALA A 97 -21.45 1.25 -10.76
CA ALA A 97 -22.35 0.71 -11.77
C ALA A 97 -21.89 -0.58 -12.51
N ASP A 98 -20.65 -1.06 -12.25
CA ASP A 98 -20.22 -2.39 -12.70
C ASP A 98 -21.20 -3.46 -12.12
N PRO A 99 -21.92 -4.23 -13.00
CA PRO A 99 -22.92 -5.22 -12.53
C PRO A 99 -22.35 -6.53 -11.97
N THR A 100 -21.03 -6.64 -11.98
CA THR A 100 -20.33 -7.77 -11.37
C THR A 100 -21.03 -7.99 -10.05
N PRO A 101 -21.35 -9.26 -9.72
CA PRO A 101 -22.04 -9.50 -8.44
C PRO A 101 -21.18 -8.90 -7.29
N PHE A 102 -21.81 -8.13 -6.38
CA PHE A 102 -21.14 -7.54 -5.23
C PHE A 102 -20.13 -8.46 -4.48
N HIS A 103 -20.47 -9.75 -4.29
CA HIS A 103 -19.61 -10.68 -3.59
C HIS A 103 -18.32 -10.96 -4.37
N ILE A 104 -18.42 -10.81 -5.67
CA ILE A 104 -17.26 -11.01 -6.55
C ILE A 104 -16.35 -9.76 -6.50
N GLN A 105 -16.97 -8.59 -6.45
CA GLN A 105 -16.23 -7.34 -6.30
C GLN A 105 -15.52 -7.34 -4.95
N ALA A 106 -16.26 -7.68 -3.85
CA ALA A 106 -15.63 -7.88 -2.51
C ALA A 106 -14.46 -8.81 -2.56
N GLU A 107 -14.65 -9.99 -3.15
CA GLU A 107 -13.59 -10.97 -3.13
C GLU A 107 -12.39 -10.52 -3.97
N VAL A 108 -12.64 -9.97 -5.14
CA VAL A 108 -11.55 -9.62 -6.06
C VAL A 108 -10.67 -8.45 -5.56
N THR A 109 -11.34 -7.41 -5.09
CA THR A 109 -10.74 -6.23 -4.48
C THR A 109 -9.92 -6.62 -3.27
N MET A 110 -10.53 -7.36 -2.36
CA MET A 110 -9.83 -7.94 -1.21
C MET A 110 -8.60 -8.72 -1.52
N LYS A 111 -8.68 -9.61 -2.50
CA LYS A 111 -7.53 -10.41 -2.91
CA LYS A 111 -7.54 -10.41 -2.97
C LYS A 111 -6.33 -9.56 -3.27
N THR A 112 -6.51 -8.55 -4.11
CA THR A 112 -5.38 -7.61 -4.33
C THR A 112 -5.13 -6.65 -3.19
N ASN A 113 -6.14 -5.84 -2.86
CA ASN A 113 -5.89 -4.72 -1.95
C ASN A 113 -5.37 -5.14 -0.58
N PHE A 114 -5.99 -6.21 -0.05
CA PHE A 114 -5.57 -6.64 1.23
C PHE A 114 -4.61 -7.76 1.10
N PHE A 115 -5.01 -8.84 0.46
CA PHE A 115 -4.21 -10.06 0.51
C PHE A 115 -2.90 -9.97 -0.27
N GLY A 116 -2.91 -9.22 -1.38
CA GLY A 116 -1.64 -9.00 -2.18
C GLY A 116 -0.63 -8.08 -1.44
N THR A 117 -1.16 -6.95 -0.92
CA THR A 117 -0.40 -6.05 -0.07
C THR A 117 0.24 -6.87 1.06
N ARG A 118 -0.56 -7.68 1.76
CA ARG A 118 -0.05 -8.54 2.86
C ARG A 118 1.08 -9.44 2.45
N ASP A 119 0.98 -10.13 1.31
CA ASP A 119 2.06 -11.01 0.80
C ASP A 119 3.35 -10.27 0.51
N VAL A 120 3.27 -9.10 -0.10
CA VAL A 120 4.40 -8.27 -0.32
C VAL A 120 5.05 -7.90 0.99
N CYS A 121 4.27 -7.48 1.97
CA CYS A 121 4.88 -7.21 3.32
C CYS A 121 5.48 -8.47 3.98
N THR A 122 4.80 -9.61 3.88
CA THR A 122 5.41 -10.86 4.33
C THR A 122 6.79 -11.11 3.68
N GLU A 123 6.85 -11.09 2.36
CA GLU A 123 8.13 -11.28 1.64
C GLU A 123 9.18 -10.13 1.77
N LEU A 124 8.75 -8.87 1.83
CA LEU A 124 9.69 -7.76 1.73
C LEU A 124 10.17 -7.11 3.05
N LEU A 125 9.26 -7.00 4.02
CA LEU A 125 9.61 -6.51 5.36
C LEU A 125 10.88 -7.15 5.94
N PRO A 126 11.06 -8.49 5.79
CA PRO A 126 12.36 -8.97 6.31
C PRO A 126 13.62 -8.38 5.61
N LEU A 127 13.45 -7.77 4.45
CA LEU A 127 14.61 -7.20 3.76
C LEU A 127 14.84 -5.76 4.12
N ILE A 128 13.91 -5.15 4.89
CA ILE A 128 13.91 -3.72 5.11
C ILE A 128 15.15 -3.42 5.98
N LYS A 129 15.95 -2.42 5.58
CA LYS A 129 17.17 -2.14 6.25
C LYS A 129 17.00 -1.12 7.33
N PRO A 130 17.96 -1.04 8.28
CA PRO A 130 17.83 -0.01 9.31
C PRO A 130 17.63 1.36 8.68
N GLN A 131 16.97 2.25 9.41
CA GLN A 131 16.56 3.56 8.87
C GLN A 131 15.61 3.48 7.64
N GLY A 132 14.95 2.35 7.45
CA GLY A 132 14.06 2.17 6.30
C GLY A 132 12.67 2.76 6.56
N ARG A 133 11.91 2.90 5.50
CA ARG A 133 10.51 3.41 5.56
C ARG A 133 9.60 2.53 4.73
N VAL A 134 8.40 2.28 5.23
CA VAL A 134 7.45 1.49 4.47
C VAL A 134 6.19 2.31 4.38
N VAL A 135 5.64 2.43 3.18
CA VAL A 135 4.42 3.25 3.01
C VAL A 135 3.34 2.42 2.35
N ASN A 136 2.23 2.24 3.07
CA ASN A 136 1.08 1.54 2.60
C ASN A 136 0.03 2.56 2.23
N VAL A 137 -0.28 2.64 0.94
CA VAL A 137 -1.29 3.58 0.47
C VAL A 137 -2.66 2.93 0.71
N SER A 138 -3.44 3.59 1.57
CA SER A 138 -4.79 3.14 1.90
C SER A 138 -5.73 4.19 1.30
N SER A 139 -6.74 4.62 2.06
CA SER A 139 -7.71 5.60 1.55
C SER A 139 -8.51 6.18 2.70
N ILE A 140 -8.87 7.46 2.57
CA ILE A 140 -9.80 8.04 3.54
C ILE A 140 -11.14 7.25 3.58
N MET A 141 -11.56 6.62 2.47
CA MET A 141 -12.75 5.76 2.46
C MET A 141 -12.74 4.66 3.51
N SER A 142 -11.55 4.23 3.96
CA SER A 142 -11.48 3.28 5.07
C SER A 142 -12.05 3.84 6.36
N VAL A 143 -11.95 5.15 6.55
CA VAL A 143 -12.51 5.82 7.72
C VAL A 143 -14.00 5.84 7.67
N ARG A 144 -14.48 6.22 6.49
CA ARG A 144 -15.90 6.19 6.21
C ARG A 144 -16.45 4.76 6.30
N ALA A 145 -15.71 3.76 5.84
CA ALA A 145 -16.20 2.38 5.96
C ALA A 145 -16.25 2.00 7.46
N LEU A 146 -15.22 2.42 8.21
CA LEU A 146 -15.08 2.12 9.64
C LEU A 146 -16.27 2.63 10.46
N LYS A 147 -16.71 3.84 10.18
CA LYS A 147 -17.74 4.46 10.97
C LYS A 147 -19.11 3.93 10.65
N SER A 148 -19.24 3.31 9.47
CA SER A 148 -20.42 2.62 9.03
C SER A 148 -20.45 1.15 9.47
N CYS A 149 -19.41 0.69 10.14
CA CYS A 149 -19.38 -0.61 10.75
C CYS A 149 -20.20 -0.59 12.04
N SER A 150 -20.67 -1.75 12.46
CA SER A 150 -21.21 -1.93 13.86
C SER A 150 -20.19 -1.50 14.87
N PRO A 151 -20.66 -0.94 16.00
CA PRO A 151 -19.76 -0.54 17.03
C PRO A 151 -18.83 -1.67 17.40
N GLU A 152 -19.32 -2.92 17.36
CA GLU A 152 -18.53 -4.10 17.71
C GLU A 152 -17.42 -4.38 16.72
N LEU A 153 -17.68 -4.17 15.43
CA LEU A 153 -16.63 -4.17 14.41
C LEU A 153 -15.71 -2.94 14.50
N GLN A 154 -16.24 -1.75 14.79
CA GLN A 154 -15.37 -0.59 15.06
C GLN A 154 -14.26 -0.84 16.15
N GLN A 155 -14.65 -1.50 17.24
CA GLN A 155 -13.78 -1.74 18.37
C GLN A 155 -12.64 -2.77 18.07
N LYS A 156 -12.98 -3.82 17.32
CA LYS A 156 -12.02 -4.74 16.76
C LYS A 156 -11.03 -4.00 15.88
N PHE A 157 -11.55 -3.15 14.98
CA PHE A 157 -10.65 -2.51 14.01
C PHE A 157 -9.88 -1.34 14.61
N ARG A 158 -10.35 -0.80 15.75
CA ARG A 158 -9.59 0.26 16.49
C ARG A 158 -8.56 -0.28 17.48
N SER A 159 -8.65 -1.56 17.74
CA SER A 159 -7.93 -2.20 18.83
C SER A 159 -6.46 -2.00 18.73
N GLU A 160 -5.81 -1.75 19.88
CA GLU A 160 -4.35 -1.63 19.87
C GLU A 160 -3.67 -3.00 19.89
N THR A 161 -4.42 -4.11 19.88
CA THR A 161 -3.78 -5.45 20.03
C THR A 161 -4.31 -6.51 19.11
N ILE A 162 -5.13 -6.08 18.13
CA ILE A 162 -5.45 -6.93 17.02
C ILE A 162 -4.16 -7.60 16.50
N THR A 163 -4.25 -8.86 16.11
CA THR A 163 -3.17 -9.60 15.58
C THR A 163 -3.42 -9.71 14.06
N GLU A 164 -2.37 -9.96 13.25
CA GLU A 164 -2.51 -10.20 11.80
C GLU A 164 -3.50 -11.31 11.42
N GLU A 165 -3.46 -12.44 12.15
CA GLU A 165 -4.39 -13.54 12.02
C GLU A 165 -5.82 -13.15 12.26
N GLU A 166 -6.07 -12.32 13.29
CA GLU A 166 -7.42 -11.84 13.53
C GLU A 166 -7.96 -10.95 12.38
N LEU A 167 -7.12 -10.04 11.89
CA LEU A 167 -7.44 -9.18 10.75
C LEU A 167 -7.71 -9.99 9.51
N VAL A 168 -6.88 -10.99 9.30
CA VAL A 168 -7.10 -11.89 8.15
C VAL A 168 -8.49 -12.46 8.22
N GLY A 169 -8.89 -12.95 9.41
CA GLY A 169 -10.23 -13.53 9.52
C GLY A 169 -11.41 -12.55 9.42
N LEU A 170 -11.26 -11.31 9.88
CA LEU A 170 -12.25 -10.20 9.61
C LEU A 170 -12.42 -9.88 8.11
N MET A 171 -11.29 -9.70 7.40
CA MET A 171 -11.25 -9.59 5.91
C MET A 171 -11.94 -10.72 5.15
N ASN A 172 -11.58 -11.97 5.47
CA ASN A 172 -12.33 -13.15 4.98
C ASN A 172 -13.78 -13.15 5.39
N LYS A 173 -14.09 -12.73 6.62
CA LYS A 173 -15.45 -12.73 7.03
C LYS A 173 -16.24 -11.80 6.15
N PHE A 174 -15.75 -10.57 5.93
CA PHE A 174 -16.45 -9.64 5.07
C PHE A 174 -16.73 -10.31 3.75
N VAL A 175 -15.71 -10.86 3.08
CA VAL A 175 -15.97 -11.51 1.78
C VAL A 175 -17.08 -12.64 1.88
N GLU A 176 -16.90 -13.57 2.81
CA GLU A 176 -17.83 -14.65 3.06
C GLU A 176 -19.27 -14.14 3.33
N ASP A 177 -19.41 -13.13 4.22
CA ASP A 177 -20.72 -12.51 4.50
C ASP A 177 -21.42 -11.99 3.25
N THR A 178 -20.74 -11.16 2.45
CA THR A 178 -21.28 -10.68 1.12
C THR A 178 -21.77 -11.79 0.20
N LYS A 179 -21.11 -12.94 0.25
CA LYS A 179 -21.55 -14.07 -0.58
C LYS A 179 -22.85 -14.72 -0.07
N LYS A 180 -22.97 -14.87 1.24
CA LYS A 180 -24.13 -15.46 1.88
C LYS A 180 -25.27 -14.47 1.95
N GLY A 181 -25.01 -13.22 1.54
CA GLY A 181 -26.02 -12.15 1.49
C GLY A 181 -26.43 -11.68 2.88
N VAL A 182 -25.45 -11.66 3.80
CA VAL A 182 -25.69 -11.27 5.18
C VAL A 182 -24.77 -10.13 5.71
N HIS A 183 -24.02 -9.43 4.84
CA HIS A 183 -23.01 -8.48 5.37
C HIS A 183 -23.61 -7.28 6.12
N GLN A 184 -24.68 -6.67 5.62
CA GLN A 184 -25.38 -5.64 6.35
C GLN A 184 -25.76 -6.04 7.81
N LYS A 185 -26.36 -7.20 7.99
CA LYS A 185 -26.80 -7.69 9.26
C LYS A 185 -25.58 -8.02 10.09
N GLU A 186 -24.49 -8.41 9.45
CA GLU A 186 -23.29 -8.84 10.16
C GLU A 186 -22.44 -7.61 10.53
N GLY A 187 -23.00 -6.43 10.25
CA GLY A 187 -22.47 -5.15 10.68
C GLY A 187 -21.55 -4.49 9.68
N TRP A 188 -21.43 -5.04 8.46
CA TRP A 188 -20.49 -4.47 7.49
C TRP A 188 -21.00 -3.25 6.78
N PRO A 189 -20.07 -2.37 6.35
CA PRO A 189 -20.48 -1.31 5.47
C PRO A 189 -20.63 -1.81 4.05
N SER A 190 -21.01 -0.90 3.18
CA SER A 190 -21.45 -1.30 1.88
C SER A 190 -20.38 -1.15 0.79
N SER A 191 -19.26 -0.54 1.12
CA SER A 191 -18.16 -0.37 0.17
C SER A 191 -17.19 -1.53 0.39
N ALA A 192 -17.11 -2.43 -0.62
CA ALA A 192 -16.09 -3.48 -0.65
C ALA A 192 -14.70 -2.86 -0.65
N TYR A 193 -14.52 -1.81 -1.44
CA TYR A 193 -13.26 -1.10 -1.50
C TYR A 193 -12.80 -0.50 -0.18
N GLY A 194 -13.61 0.36 0.43
CA GLY A 194 -13.35 0.90 1.74
C GLY A 194 -13.01 -0.15 2.77
N VAL A 195 -13.55 -1.36 2.61
CA VAL A 195 -13.33 -2.42 3.62
C VAL A 195 -11.91 -2.95 3.42
N THR A 196 -11.45 -2.97 2.17
CA THR A 196 -10.10 -3.49 1.88
C THR A 196 -9.06 -2.52 2.39
N LYS A 197 -9.37 -1.22 2.38
CA LYS A 197 -8.47 -0.20 2.91
C LYS A 197 -8.52 -0.11 4.49
N ILE A 198 -9.67 -0.43 5.10
CA ILE A 198 -9.65 -0.75 6.53
C ILE A 198 -8.58 -1.85 6.76
N GLY A 199 -8.67 -2.92 5.92
CA GLY A 199 -7.63 -3.95 5.75
C GLY A 199 -6.21 -3.40 5.76
N VAL A 200 -5.93 -2.45 4.88
CA VAL A 200 -4.55 -1.95 4.69
C VAL A 200 -4.16 -1.08 5.85
N THR A 201 -5.12 -0.24 6.33
CA THR A 201 -4.90 0.72 7.40
C THR A 201 -4.51 -0.02 8.65
N VAL A 202 -5.16 -1.17 8.86
CA VAL A 202 -5.05 -1.91 10.14
C VAL A 202 -3.81 -2.83 10.08
N LEU A 203 -3.55 -3.43 8.90
CA LEU A 203 -2.31 -4.19 8.73
C LEU A 203 -1.12 -3.32 9.10
N SER A 204 -1.12 -2.06 8.63
CA SER A 204 -0.07 -1.07 8.89
C SER A 204 0.22 -0.89 10.42
N ARG A 205 -0.85 -0.68 11.19
CA ARG A 205 -0.78 -0.60 12.65
C ARG A 205 -0.19 -1.89 13.21
N ILE A 206 -0.65 -3.06 12.75
CA ILE A 206 -0.08 -4.33 13.20
C ILE A 206 1.43 -4.38 12.88
N HIS A 207 1.77 -4.05 11.63
CA HIS A 207 3.12 -4.16 11.20
C HIS A 207 4.07 -3.22 11.86
N ALA A 208 3.63 -1.96 12.05
CA ALA A 208 4.35 -1.03 12.91
C ALA A 208 4.64 -1.57 14.38
N ARG A 209 3.64 -2.04 15.11
CA ARG A 209 3.89 -2.74 16.40
C ARG A 209 4.91 -3.89 16.32
N LYS A 210 4.74 -4.82 15.39
CA LYS A 210 5.71 -5.88 15.15
C LYS A 210 7.14 -5.35 14.99
N LEU A 211 7.34 -4.27 14.24
CA LEU A 211 8.68 -3.75 13.98
C LEU A 211 9.31 -3.18 15.28
N SER A 212 8.53 -2.49 16.10
CA SER A 212 9.07 -2.14 17.40
C SER A 212 9.24 -3.29 18.42
N GLU A 213 8.45 -4.37 18.29
CA GLU A 213 8.61 -5.57 19.12
C GLU A 213 9.88 -6.31 18.73
N GLN A 214 10.11 -6.41 17.44
CA GLN A 214 11.13 -7.23 16.87
C GLN A 214 12.35 -6.47 16.47
N ARG A 215 12.20 -5.19 16.16
CA ARG A 215 13.34 -4.50 15.58
C ARG A 215 13.57 -3.15 16.19
N LYS A 216 13.35 -3.03 17.50
CA LYS A 216 13.58 -1.72 18.15
C LYS A 216 15.06 -1.31 17.96
N GLY A 217 15.28 -0.04 17.69
CA GLY A 217 16.63 0.41 17.44
C GLY A 217 17.06 0.44 15.99
N ASP A 218 16.39 -0.33 15.15
CA ASP A 218 16.65 -0.24 13.71
C ASP A 218 16.08 1.02 13.04
N LYS A 219 15.37 1.84 13.84
CA LYS A 219 14.85 3.17 13.41
C LYS A 219 14.01 3.12 12.13
N ILE A 220 13.23 2.04 11.98
CA ILE A 220 12.34 1.79 10.82
C ILE A 220 10.94 2.42 11.07
N LEU A 221 10.44 3.20 10.11
CA LEU A 221 9.15 3.88 10.26
C LEU A 221 8.15 3.33 9.20
N LEU A 222 6.94 3.00 9.66
CA LEU A 222 5.94 2.35 8.83
C LEU A 222 4.61 2.94 9.10
N ASN A 223 3.94 3.38 8.02
CA ASN A 223 2.67 4.12 8.09
C ASN A 223 1.70 3.79 6.94
N ALA A 224 0.41 3.92 7.22
CA ALA A 224 -0.62 4.03 6.15
C ALA A 224 -0.83 5.52 5.76
N CYS A 225 -1.28 5.72 4.54
CA CYS A 225 -1.69 7.07 4.12
C CYS A 225 -2.90 7.09 3.23
N CYS A 226 -3.44 8.29 3.12
CA CYS A 226 -4.50 8.66 2.24
C CYS A 226 -3.83 9.69 1.29
N PRO A 227 -3.83 9.41 -0.03
CA PRO A 227 -3.34 10.37 -1.01
C PRO A 227 -4.30 11.51 -1.41
N GLY A 228 -5.59 11.46 -1.06
CA GLY A 228 -6.49 12.52 -1.49
C GLY A 228 -7.29 11.94 -2.61
N TRP A 229 -8.20 12.74 -3.17
CA TRP A 229 -8.96 12.32 -4.36
C TRP A 229 -8.13 12.75 -5.65
N VAL A 230 -7.70 11.78 -6.42
CA VAL A 230 -6.71 12.07 -7.43
C VAL A 230 -7.18 11.63 -8.81
N ARG A 231 -6.75 12.39 -9.81
CA ARG A 231 -7.16 12.14 -11.21
C ARG A 231 -6.31 11.02 -11.83
N THR A 232 -6.85 9.81 -11.84
CA THR A 232 -6.21 8.59 -12.33
C THR A 232 -7.30 7.72 -12.93
N ASP A 233 -6.87 6.66 -13.62
CA ASP A 233 -7.78 5.61 -14.10
C ASP A 233 -8.77 5.10 -13.08
N MET A 234 -8.38 5.15 -11.80
CA MET A 234 -9.28 4.65 -10.73
C MET A 234 -10.45 5.59 -10.36
N ALA A 235 -10.19 6.90 -10.36
CA ALA A 235 -11.22 7.89 -10.09
C ALA A 235 -11.64 8.50 -11.43
N GLY A 236 -11.26 9.73 -11.70
CA GLY A 236 -11.71 10.30 -12.96
C GLY A 236 -11.09 11.65 -13.10
N PRO A 237 -11.38 12.31 -14.23
CA PRO A 237 -10.92 13.64 -14.61
C PRO A 237 -11.51 14.72 -13.73
N LYS A 238 -12.57 14.36 -12.98
CA LYS A 238 -13.25 15.30 -12.08
C LYS A 238 -12.59 15.41 -10.70
N ALA A 239 -11.65 14.50 -10.40
CA ALA A 239 -10.96 14.43 -9.09
C ALA A 239 -10.15 15.69 -8.75
N THR A 240 -9.88 15.94 -7.49
CA THR A 240 -9.40 17.26 -7.19
C THR A 240 -7.89 17.45 -7.44
N LYS A 241 -7.09 16.41 -7.13
CA LYS A 241 -5.63 16.46 -7.14
C LYS A 241 -5.05 15.81 -8.38
N SER A 242 -3.92 16.34 -8.87
CA SER A 242 -3.13 15.63 -9.88
C SER A 242 -2.37 14.44 -9.27
N PRO A 243 -1.94 13.44 -10.11
CA PRO A 243 -1.11 12.33 -9.59
C PRO A 243 0.07 12.83 -8.73
N GLU A 244 0.70 13.90 -9.21
CA GLU A 244 1.79 14.60 -8.54
C GLU A 244 1.45 15.12 -7.15
N GLU A 245 0.27 15.71 -7.00
CA GLU A 245 -0.22 16.17 -5.68
C GLU A 245 -0.56 15.00 -4.78
N GLY A 246 -1.17 13.98 -5.39
CA GLY A 246 -1.46 12.70 -4.72
C GLY A 246 -0.23 11.95 -4.22
N ALA A 247 0.84 11.88 -5.01
CA ALA A 247 2.17 11.35 -4.48
C ALA A 247 2.75 12.05 -3.20
N GLU A 248 2.32 13.26 -2.85
CA GLU A 248 3.00 14.08 -1.85
C GLU A 248 3.13 13.48 -0.46
N THR A 249 2.02 13.05 0.10
CA THR A 249 2.06 12.40 1.39
C THR A 249 2.79 11.04 1.40
N PRO A 250 2.52 10.15 0.41
CA PRO A 250 3.45 8.98 0.33
C PRO A 250 4.96 9.26 0.23
N VAL A 251 5.36 10.32 -0.50
CA VAL A 251 6.78 10.65 -0.65
C VAL A 251 7.36 11.16 0.69
N TYR A 252 6.60 12.03 1.33
CA TYR A 252 6.88 12.52 2.60
C TYR A 252 7.15 11.33 3.55
N LEU A 253 6.24 10.36 3.63
CA LEU A 253 6.43 9.21 4.53
C LEU A 253 7.60 8.25 4.18
N ALA A 254 8.04 8.29 2.92
CA ALA A 254 9.11 7.42 2.43
C ALA A 254 10.50 7.98 2.70
N LEU A 255 10.57 9.29 2.86
CA LEU A 255 11.82 10.02 3.07
C LEU A 255 11.93 10.70 4.42
N LEU A 256 11.14 10.27 5.41
CA LEU A 256 11.20 10.80 6.78
C LEU A 256 12.67 10.78 7.21
N PRO A 257 13.17 11.91 7.80
CA PRO A 257 14.62 11.97 8.00
C PRO A 257 15.14 10.83 8.91
N PRO A 258 16.43 10.47 8.78
CA PRO A 258 17.07 9.53 9.73
C PRO A 258 16.74 9.79 11.21
N ASP A 259 16.53 8.74 11.99
CA ASP A 259 16.38 8.92 13.46
C ASP A 259 15.14 9.70 13.97
N ALA A 260 14.27 10.13 13.03
CA ALA A 260 12.95 10.66 13.32
C ALA A 260 12.26 9.57 14.09
N GLU A 261 11.42 9.99 15.03
CA GLU A 261 10.75 9.09 16.00
C GLU A 261 9.34 8.74 15.52
N GLY A 262 8.85 9.53 14.58
CA GLY A 262 7.69 9.17 13.91
C GLY A 262 7.44 10.11 12.79
N PRO A 263 6.24 10.05 12.22
CA PRO A 263 5.19 9.10 12.69
C PRO A 263 5.52 7.61 12.38
N HIS A 264 4.98 6.73 13.24
CA HIS A 264 5.09 5.29 13.11
C HIS A 264 3.74 4.65 13.50
N GLY A 265 3.23 3.81 12.58
CA GLY A 265 1.94 3.11 12.74
C GLY A 265 0.77 4.05 12.62
N GLN A 266 0.91 5.07 11.80
CA GLN A 266 -0.12 6.10 11.73
C GLN A 266 -0.86 6.04 10.42
N PHE A 267 -1.96 6.79 10.38
CA PHE A 267 -2.82 6.88 9.26
C PHE A 267 -2.71 8.36 8.89
N VAL A 268 -2.07 8.65 7.78
CA VAL A 268 -1.56 10.00 7.47
C VAL A 268 -2.19 10.58 6.20
N SER A 269 -2.74 11.79 6.32
CA SER A 269 -3.42 12.45 5.19
C SER A 269 -2.96 13.88 5.20
N GLU A 270 -2.54 14.39 4.00
CA GLU A 270 -2.03 15.74 3.90
C GLU A 270 -0.85 15.94 4.89
N LYS A 271 0.04 14.95 5.05
CA LYS A 271 1.26 14.99 5.96
C LYS A 271 1.04 15.09 7.48
N ARG A 272 -0.21 15.06 7.87
CA ARG A 272 -0.65 15.02 9.24
C ARG A 272 -1.30 13.68 9.64
N VAL A 273 -1.15 13.35 10.88
CA VAL A 273 -1.72 12.18 11.50
C VAL A 273 -3.19 12.32 11.70
N GLU A 274 -3.97 11.43 11.15
CA GLU A 274 -5.41 11.36 11.41
C GLU A 274 -5.84 10.31 12.49
N GLN A 275 -6.97 10.57 13.16
CA GLN A 275 -7.65 9.66 14.12
C GLN A 275 -8.03 8.34 13.48
N TRP A 276 -7.72 7.24 14.16
CA TRP A 276 -8.27 5.94 13.81
C TRP A 276 -9.10 5.50 15.00
#